data_3RXT
#
_entry.id   3RXT
#
_cell.length_a   54.537
_cell.length_b   57.911
_cell.length_c   66.625
_cell.angle_alpha   90.00
_cell.angle_beta   90.00
_cell.angle_gamma   90.00
#
_symmetry.space_group_name_H-M   'P 21 21 21'
#
loop_
_entity.id
_entity.type
_entity.pdbx_description
1 polymer 'Cationic trypsin'
2 non-polymer 'CALCIUM ION'
3 non-polymer 'DIMETHYL SULFOXIDE'
4 non-polymer 1-(3-methoxyphenyl)methanamine
5 water water
#
_entity_poly.entity_id   1
_entity_poly.type   'polypeptide(L)'
_entity_poly.pdbx_seq_one_letter_code
;IVGGYTCGANTVPYQVSLNSGYHFCGGSLINSQWVVSAAHCYKSGIQVRLGEDNINVVEGNEQFISASKSIVHPSYNSNT
LNNDIMLIKLKSAASLNSRVASISLPTSCASAGTQCLISGWGNTKSSGTSYPDVLKCLKAPILSDSSCKSAYPGQITSNM
FCAGYLEGGKDSCQGDSGGPVVCSGKLQGIVSWGSGCAQKNKPGVYTKVCNYVSWIKQTIASN
;
_entity_poly.pdbx_strand_id   A
#
loop_
_chem_comp.id
_chem_comp.type
_chem_comp.name
_chem_comp.formula
CA non-polymer 'CALCIUM ION' 'Ca 2'
DMS non-polymer 'DIMETHYL SULFOXIDE' 'C2 H6 O S'
SZ4 non-polymer 1-(3-methoxyphenyl)methanamine 'C8 H11 N O'
#
# COMPACT_ATOMS: atom_id res chain seq x y z
N ILE A 1 4.31 -0.44 10.29
CA ILE A 1 3.29 -1.30 10.80
C ILE A 1 3.54 -1.37 12.32
N VAL A 2 2.50 -1.01 13.07
CA VAL A 2 2.49 -1.10 14.50
C VAL A 2 1.76 -2.34 14.96
N GLY A 3 2.38 -3.08 15.85
CA GLY A 3 1.76 -4.26 16.40
C GLY A 3 1.68 -5.46 15.45
N GLY A 4 2.54 -5.45 14.45
CA GLY A 4 2.61 -6.50 13.46
C GLY A 4 3.61 -7.60 13.77
N TYR A 5 3.97 -8.32 12.72
CA TYR A 5 4.96 -9.38 12.76
C TYR A 5 5.95 -9.26 11.60
N THR A 6 7.12 -9.83 11.76
CA THR A 6 8.10 -9.86 10.68
C THR A 6 7.55 -10.84 9.62
N CYS A 7 7.32 -10.35 8.41
CA CYS A 7 6.70 -11.19 7.42
C CYS A 7 7.51 -12.42 7.11
N GLY A 8 8.81 -12.20 6.95
CA GLY A 8 9.72 -13.19 6.44
C GLY A 8 10.20 -12.81 5.02
N ALA A 9 11.46 -13.07 4.71
CA ALA A 9 11.99 -12.50 3.50
C ALA A 9 11.27 -13.02 2.25
N ASN A 10 10.81 -12.08 1.45
CA ASN A 10 10.27 -12.36 0.13
C ASN A 10 8.93 -13.13 0.19
N THR A 11 8.28 -13.08 1.35
CA THR A 11 7.01 -13.74 1.51
C THR A 11 5.82 -12.93 0.98
N VAL A 12 6.09 -11.70 0.60
CA VAL A 12 5.10 -10.79 0.07
C VAL A 12 5.73 -10.23 -1.23
N PRO A 13 5.69 -11.06 -2.27
CA PRO A 13 6.46 -10.85 -3.49
C PRO A 13 6.01 -9.66 -4.37
N TYR A 14 4.80 -9.17 -4.16
CA TYR A 14 4.29 -8.02 -4.86
C TYR A 14 4.63 -6.73 -4.15
N GLN A 15 5.11 -6.82 -2.93
CA GLN A 15 5.43 -5.62 -2.20
C GLN A 15 6.68 -4.96 -2.74
N VAL A 16 6.59 -3.66 -2.97
CA VAL A 16 7.73 -2.92 -3.42
C VAL A 16 8.04 -1.74 -2.52
N SER A 17 9.28 -1.29 -2.60
CA SER A 17 9.73 -0.10 -1.90
C SER A 17 10.03 0.98 -2.94
N LEU A 18 9.51 2.18 -2.72
CA LEU A 18 9.77 3.30 -3.61
C LEU A 18 10.91 4.07 -2.95
N ASN A 19 11.99 4.29 -3.69
CA ASN A 19 13.22 4.86 -3.18
C ASN A 19 13.65 6.09 -3.97
N SER A 20 13.89 7.20 -3.27
CA SER A 20 14.32 8.44 -3.88
C SER A 20 15.59 8.86 -3.18
N GLY A 21 16.44 7.88 -2.96
CA GLY A 21 17.61 7.98 -2.12
C GLY A 21 17.41 7.39 -0.73
N TYR A 22 16.18 7.06 -0.41
CA TYR A 22 15.80 6.45 0.82
C TYR A 22 14.40 5.90 0.56
N HIS A 23 13.97 4.92 1.32
CA HIS A 23 12.62 4.43 1.19
C HIS A 23 11.64 5.52 1.63
N PHE A 24 10.63 5.84 0.82
CA PHE A 24 9.61 6.78 1.26
C PHE A 24 8.13 6.29 1.20
N CYS A 25 7.91 5.19 0.53
CA CYS A 25 6.57 4.67 0.37
C CYS A 25 6.63 3.24 -0.10
N GLY A 26 5.53 2.57 0.08
CA GLY A 26 5.33 1.31 -0.54
C GLY A 26 4.51 1.39 -1.84
N GLY A 27 4.43 0.23 -2.49
CA GLY A 27 3.67 0.00 -3.67
C GLY A 27 3.44 -1.47 -3.93
N SER A 28 2.60 -1.77 -4.92
CA SER A 28 2.29 -3.14 -5.26
C SER A 28 2.53 -3.37 -6.74
N LEU A 29 3.25 -4.42 -7.04
CA LEU A 29 3.47 -4.76 -8.42
C LEU A 29 2.25 -5.46 -8.98
N ILE A 30 1.66 -4.91 -10.04
CA ILE A 30 0.46 -5.50 -10.62
C ILE A 30 0.63 -6.14 -12.01
N ASN A 31 1.77 -5.87 -12.61
CA ASN A 31 2.33 -6.61 -13.75
C ASN A 31 3.83 -6.34 -13.87
N SER A 32 4.47 -6.90 -14.88
CA SER A 32 5.91 -6.79 -14.95
C SER A 32 6.43 -5.37 -15.08
N GLN A 33 5.57 -4.47 -15.52
CA GLN A 33 6.02 -3.12 -15.77
C GLN A 33 5.32 -2.00 -14.99
N TRP A 34 4.36 -2.37 -14.17
CA TRP A 34 3.57 -1.37 -13.47
C TRP A 34 3.38 -1.66 -11.98
N VAL A 35 3.40 -0.56 -11.24
CA VAL A 35 3.18 -0.50 -9.81
C VAL A 35 2.02 0.45 -9.49
N VAL A 36 1.21 0.01 -8.51
CA VAL A 36 0.17 0.80 -7.93
C VAL A 36 0.61 1.32 -6.56
N SER A 37 0.41 2.59 -6.35
CA SER A 37 0.76 3.23 -5.10
C SER A 37 -0.26 4.32 -4.73
N ALA A 38 0.04 5.11 -3.73
CA ALA A 38 -0.81 6.21 -3.35
C ALA A 38 -0.42 7.47 -4.10
N ALA A 39 -1.40 8.26 -4.45
CA ALA A 39 -1.14 9.52 -5.09
C ALA A 39 -0.33 10.45 -4.19
N HIS A 40 -0.53 10.35 -2.90
CA HIS A 40 0.23 11.18 -1.96
C HIS A 40 1.72 10.76 -1.91
N CYS A 41 2.03 9.65 -2.53
CA CYS A 41 3.41 9.21 -2.64
C CYS A 41 4.12 9.84 -3.87
N TYR A 42 3.41 10.66 -4.62
CA TYR A 42 4.00 11.19 -5.82
C TYR A 42 5.20 12.05 -5.51
N LYS A 43 6.24 11.78 -6.28
CA LYS A 43 7.42 12.61 -6.41
C LYS A 43 8.14 12.27 -7.70
N SER A 44 9.07 13.12 -8.11
CA SER A 44 9.96 12.79 -9.20
C SER A 44 11.15 11.93 -8.71
N GLY A 45 11.90 11.38 -9.63
CA GLY A 45 13.07 10.57 -9.32
C GLY A 45 12.87 9.29 -8.54
N ILE A 46 11.85 8.55 -8.88
CA ILE A 46 11.54 7.33 -8.14
C ILE A 46 12.25 6.15 -8.74
N GLN A 47 12.89 5.35 -7.89
CA GLN A 47 13.40 4.04 -8.25
C GLN A 47 12.55 3.00 -7.55
N VAL A 48 12.06 2.03 -8.29
CA VAL A 48 11.27 0.98 -7.71
C VAL A 48 12.21 -0.14 -7.30
N ARG A 49 12.09 -0.60 -6.05
CA ARG A 49 12.89 -1.70 -5.56
C ARG A 49 11.99 -2.92 -5.24
N LEU A 50 12.24 -3.98 -5.97
CA LEU A 50 11.48 -5.17 -5.88
C LEU A 50 12.34 -6.23 -5.26
N GLY A 51 11.72 -7.29 -4.75
CA GLY A 51 12.48 -8.35 -4.18
C GLY A 51 13.16 -8.04 -2.84
N GLU A 52 12.71 -6.96 -2.20
CA GLU A 52 13.25 -6.48 -0.94
C GLU A 52 12.78 -7.19 0.35
N ASP A 53 13.69 -7.40 1.27
CA ASP A 53 13.34 -7.66 2.65
C ASP A 53 13.99 -6.58 3.51
N ASN A 54 15.26 -6.76 3.80
CA ASN A 54 15.95 -5.68 4.50
C ASN A 54 16.28 -4.58 3.52
N ILE A 55 15.67 -3.43 3.64
CA ILE A 55 15.85 -2.38 2.64
C ILE A 55 17.24 -1.67 2.71
N ASN A 56 17.99 -1.99 3.76
CA ASN A 56 19.30 -1.40 3.98
C ASN A 56 20.50 -2.28 3.55
N VAL A 57 20.17 -3.53 3.18
CA VAL A 57 21.21 -4.49 2.85
C VAL A 57 20.93 -5.13 1.52
N VAL A 58 21.93 -5.33 0.69
CA VAL A 58 21.64 -6.07 -0.53
C VAL A 58 21.75 -7.55 -0.25
N GLU A 59 20.61 -8.25 -0.30
CA GLU A 59 20.51 -9.64 0.13
C GLU A 59 20.48 -10.70 -1.00
N GLY A 60 20.36 -10.24 -2.21
CA GLY A 60 20.46 -11.05 -3.42
C GLY A 60 19.24 -11.30 -4.27
N ASN A 61 18.08 -10.90 -3.81
CA ASN A 61 16.91 -11.09 -4.61
C ASN A 61 16.29 -9.82 -5.22
N GLU A 62 16.95 -8.70 -5.02
CA GLU A 62 16.44 -7.42 -5.46
C GLU A 62 16.53 -7.19 -6.97
N GLN A 63 15.60 -6.40 -7.46
CA GLN A 63 15.68 -5.74 -8.73
C GLN A 63 15.44 -4.26 -8.51
N PHE A 64 16.35 -3.42 -8.98
CA PHE A 64 16.19 -2.00 -8.83
C PHE A 64 15.92 -1.41 -10.26
N ILE A 65 14.74 -0.81 -10.46
CA ILE A 65 14.34 -0.33 -11.79
C ILE A 65 13.76 1.07 -11.63
N SER A 66 14.31 2.03 -12.34
CA SER A 66 13.81 3.39 -12.28
C SER A 66 12.42 3.52 -12.95
N ALA A 67 11.61 4.43 -12.42
CA ALA A 67 10.34 4.75 -13.02
C ALA A 67 10.54 5.58 -14.30
N SER A 68 9.80 5.25 -15.33
CA SER A 68 9.75 6.06 -16.54
C SER A 68 8.64 7.07 -16.57
N LYS A 69 7.52 6.75 -15.90
CA LYS A 69 6.43 7.68 -15.77
C LYS A 69 5.57 7.38 -14.53
N SER A 70 4.98 8.45 -14.01
CA SER A 70 4.02 8.34 -12.95
C SER A 70 2.70 8.97 -13.41
N ILE A 71 1.61 8.30 -13.10
CA ILE A 71 0.30 8.84 -13.43
C ILE A 71 -0.59 8.90 -12.17
N VAL A 72 -0.81 10.08 -11.63
CA VAL A 72 -1.70 10.29 -10.52
C VAL A 72 -3.15 10.29 -11.03
N HIS A 73 -4.08 9.79 -10.23
CA HIS A 73 -5.48 9.78 -10.64
C HIS A 73 -5.96 11.18 -10.94
N PRO A 74 -6.77 11.31 -12.00
CA PRO A 74 -7.15 12.63 -12.48
C PRO A 74 -7.93 13.39 -11.43
N SER A 75 -8.59 12.61 -10.58
CA SER A 75 -9.48 13.15 -9.57
C SER A 75 -8.93 13.24 -8.13
N TYR A 76 -7.65 12.96 -7.98
CA TYR A 76 -7.05 12.99 -6.68
C TYR A 76 -7.16 14.39 -6.11
N ASN A 77 -7.65 14.47 -4.89
CA ASN A 77 -7.66 15.70 -4.13
C ASN A 77 -6.72 15.51 -2.95
N SER A 78 -5.61 16.24 -2.92
CA SER A 78 -4.65 16.12 -1.85
C SER A 78 -5.16 16.56 -0.47
N ASN A 79 -6.14 17.44 -0.46
CA ASN A 79 -6.69 17.84 0.81
C ASN A 79 -7.55 16.77 1.48
N THR A 80 -8.52 16.26 0.73
CA THR A 80 -9.40 15.22 1.23
C THR A 80 -8.89 13.78 1.12
N LEU A 81 -7.89 13.62 0.27
CA LEU A 81 -7.25 12.36 -0.04
C LEU A 81 -8.21 11.45 -0.80
N ASN A 82 -9.27 12.05 -1.33
CA ASN A 82 -10.16 11.28 -2.17
C ASN A 82 -9.43 10.89 -3.46
N ASN A 83 -9.64 9.68 -3.92
CA ASN A 83 -8.94 9.14 -5.05
C ASN A 83 -7.39 9.02 -4.90
N ASP A 84 -6.96 8.53 -3.76
CA ASP A 84 -5.53 8.45 -3.44
C ASP A 84 -4.91 7.19 -4.05
N ILE A 85 -4.70 7.29 -5.36
CA ILE A 85 -4.10 6.24 -6.11
C ILE A 85 -3.23 6.79 -7.28
N MET A 86 -2.14 6.10 -7.57
CA MET A 86 -1.26 6.49 -8.65
C MET A 86 -0.63 5.23 -9.28
N LEU A 87 -0.36 5.29 -10.58
CA LEU A 87 0.35 4.24 -11.25
C LEU A 87 1.78 4.69 -11.57
N ILE A 88 2.70 3.76 -11.51
CA ILE A 88 4.10 4.01 -11.84
C ILE A 88 4.56 2.96 -12.83
N LYS A 89 5.09 3.42 -13.94
CA LYS A 89 5.58 2.51 -14.97
C LYS A 89 7.10 2.36 -14.84
N LEU A 90 7.55 1.13 -14.90
CA LEU A 90 8.95 0.80 -14.86
C LEU A 90 9.66 1.02 -16.22
N LYS A 91 10.89 1.48 -16.19
CA LYS A 91 11.68 1.66 -17.38
C LYS A 91 11.89 0.35 -18.11
N SER A 92 12.02 -0.72 -17.35
CA SER A 92 12.16 -2.03 -17.91
C SER A 92 11.28 -3.00 -17.14
N ALA A 93 10.84 -4.06 -17.78
CA ALA A 93 10.03 -5.03 -17.13
C ALA A 93 10.83 -5.77 -16.09
N ALA A 94 10.21 -5.99 -14.94
CA ALA A 94 10.77 -6.80 -13.89
C ALA A 94 10.87 -8.24 -14.36
N SER A 95 11.80 -9.03 -13.83
CA SER A 95 11.80 -10.45 -14.09
C SER A 95 11.00 -11.11 -13.01
N LEU A 96 9.86 -11.66 -13.39
CA LEU A 96 9.02 -12.33 -12.45
C LEU A 96 9.47 -13.74 -12.09
N ASN A 97 9.32 -14.01 -10.80
CA ASN A 97 9.70 -15.23 -10.15
C ASN A 97 8.90 -15.41 -8.80
N SER A 98 9.25 -16.42 -8.03
CA SER A 98 8.53 -16.69 -6.80
C SER A 98 8.61 -15.55 -5.77
N ARG A 99 9.70 -14.82 -5.84
CA ARG A 99 10.01 -13.78 -4.92
C ARG A 99 9.74 -12.40 -5.41
N VAL A 100 9.52 -12.26 -6.72
CA VAL A 100 9.03 -11.04 -7.31
C VAL A 100 7.84 -11.40 -8.21
N ALA A 101 6.65 -11.02 -7.79
CA ALA A 101 5.43 -11.47 -8.43
C ALA A 101 4.38 -10.41 -8.35
N SER A 102 3.54 -10.37 -9.36
CA SER A 102 2.45 -9.41 -9.38
C SER A 102 1.26 -9.91 -8.55
N ILE A 103 0.45 -8.97 -8.08
CA ILE A 103 -0.80 -9.24 -7.38
C ILE A 103 -1.97 -8.87 -8.30
N SER A 104 -2.96 -9.73 -8.37
CA SER A 104 -4.14 -9.50 -9.16
C SER A 104 -4.98 -8.36 -8.64
N LEU A 105 -5.57 -7.64 -9.57
CA LEU A 105 -6.57 -6.67 -9.26
C LEU A 105 -7.83 -7.40 -8.84
N PRO A 106 -8.61 -6.74 -8.05
CA PRO A 106 -9.91 -7.27 -7.65
C PRO A 106 -10.92 -7.41 -8.79
N THR A 107 -11.70 -8.48 -8.79
CA THR A 107 -12.87 -8.52 -9.66
C THR A 107 -14.12 -8.08 -8.90
N SER A 108 -14.07 -8.16 -7.57
CA SER A 108 -15.17 -7.73 -6.73
C SER A 108 -14.65 -6.95 -5.58
N CYS A 109 -15.42 -6.05 -5.04
CA CYS A 109 -15.00 -5.35 -3.83
C CYS A 109 -15.12 -6.22 -2.58
N ALA A 110 -14.15 -6.13 -1.71
CA ALA A 110 -14.19 -6.93 -0.49
C ALA A 110 -15.04 -6.29 0.56
N SER A 111 -15.82 -7.12 1.26
CA SER A 111 -16.72 -6.66 2.31
C SER A 111 -16.09 -6.47 3.69
N ALA A 112 -16.80 -5.72 4.49
CA ALA A 112 -16.48 -5.58 5.87
C ALA A 112 -16.44 -6.98 6.48
N GLY A 113 -15.46 -7.17 7.33
CA GLY A 113 -15.20 -8.41 7.99
C GLY A 113 -14.24 -9.33 7.26
N THR A 114 -13.95 -9.01 6.01
CA THR A 114 -12.95 -9.78 5.27
C THR A 114 -11.59 -9.59 5.92
N GLN A 115 -10.82 -10.65 6.02
CA GLN A 115 -9.49 -10.57 6.57
C GLN A 115 -8.44 -10.31 5.47
N CYS A 116 -7.56 -9.38 5.73
CA CYS A 116 -6.57 -8.91 4.75
C CYS A 116 -5.17 -8.84 5.36
N LEU A 117 -4.15 -8.72 4.52
CA LEU A 117 -2.78 -8.60 4.94
C LEU A 117 -2.28 -7.25 4.49
N ILE A 118 -1.76 -6.49 5.44
CA ILE A 118 -1.23 -5.18 5.21
C ILE A 118 0.27 -5.23 5.52
N SER A 119 1.06 -4.62 4.66
CA SER A 119 2.47 -4.76 4.80
C SER A 119 3.22 -3.50 4.48
N GLY A 120 4.41 -3.39 5.04
CA GLY A 120 5.25 -2.24 4.85
C GLY A 120 6.47 -2.13 5.77
N TRP A 121 7.27 -1.12 5.48
CA TRP A 121 8.49 -0.75 6.19
C TRP A 121 8.28 0.52 7.05
N GLY A 122 7.05 0.83 7.37
CA GLY A 122 6.75 2.05 8.10
C GLY A 122 7.05 1.96 9.57
N ASN A 123 6.83 3.03 10.28
CA ASN A 123 7.14 3.14 11.70
C ASN A 123 6.45 2.05 12.51
N THR A 124 7.12 1.51 13.53
CA THR A 124 6.53 0.45 14.31
C THR A 124 6.03 0.87 15.72
N LYS A 125 6.11 2.14 16.02
CA LYS A 125 5.67 2.69 17.28
C LYS A 125 4.43 3.58 17.14
N SER A 126 3.50 3.48 18.08
CA SER A 126 2.34 4.34 18.05
C SER A 126 2.66 5.71 18.62
N SER A 127 3.69 5.77 19.44
CA SER A 127 4.21 7.02 19.98
C SER A 127 5.67 7.34 19.57
N GLY A 128 6.56 6.39 19.70
CA GLY A 128 7.89 6.79 19.31
C GLY A 128 8.07 6.83 17.79
N THR A 129 9.33 6.78 17.36
CA THR A 129 9.68 6.43 16.03
C THR A 129 10.72 5.33 16.09
N SER A 130 10.42 4.23 15.44
CA SER A 130 11.38 3.20 15.12
C SER A 130 11.01 2.70 13.74
N TYR A 131 11.96 2.71 12.83
CA TYR A 131 11.75 2.14 11.50
C TYR A 131 12.49 0.83 11.36
N PRO A 132 11.80 -0.17 10.90
CA PRO A 132 12.35 -1.50 10.80
C PRO A 132 13.10 -1.58 9.49
N ASP A 133 14.12 -2.38 9.41
CA ASP A 133 14.76 -2.62 8.14
C ASP A 133 14.04 -3.70 7.28
N VAL A 134 13.51 -4.70 7.96
CA VAL A 134 12.80 -5.80 7.33
C VAL A 134 11.29 -5.57 7.22
N LEU A 135 10.66 -6.28 6.29
CA LEU A 135 9.25 -6.03 6.02
C LEU A 135 8.40 -6.54 7.16
N LYS A 136 7.43 -5.72 7.56
CA LYS A 136 6.50 -6.07 8.60
C LYS A 136 5.10 -6.28 7.99
N CYS A 137 4.34 -7.15 8.63
CA CYS A 137 3.06 -7.64 8.20
C CYS A 137 2.01 -7.48 9.31
N LEU A 138 0.77 -7.25 8.92
CA LEU A 138 -0.34 -7.21 9.82
C LEU A 138 -1.56 -7.84 9.21
N LYS A 139 -2.22 -8.74 9.93
CA LYS A 139 -3.50 -9.26 9.52
C LYS A 139 -4.62 -8.42 10.16
N ALA A 140 -5.50 -7.88 9.33
CA ALA A 140 -6.51 -6.98 9.81
C ALA A 140 -7.80 -7.14 9.01
N PRO A 141 -8.93 -6.98 9.68
CA PRO A 141 -10.23 -7.03 9.02
C PRO A 141 -10.68 -5.69 8.45
N ILE A 142 -11.41 -5.76 7.35
CA ILE A 142 -12.05 -4.58 6.85
C ILE A 142 -13.20 -4.24 7.82
N LEU A 143 -13.32 -2.97 8.17
CA LEU A 143 -14.36 -2.47 9.03
C LEU A 143 -15.59 -1.97 8.24
N SER A 144 -16.72 -1.95 8.92
CA SER A 144 -17.96 -1.56 8.31
C SER A 144 -17.83 -0.10 7.93
N ASP A 145 -18.55 0.27 6.89
CA ASP A 145 -18.63 1.65 6.45
C ASP A 145 -19.18 2.56 7.54
N SER A 146 -20.18 2.08 8.27
CA SER A 146 -20.72 2.84 9.40
C SER A 146 -19.70 3.07 10.51
N SER A 147 -18.96 2.05 10.88
CA SER A 147 -17.96 2.23 11.92
C SER A 147 -16.82 3.17 11.49
N CYS A 148 -16.43 3.03 10.23
CA CYS A 148 -15.43 3.90 9.66
C CYS A 148 -15.86 5.37 9.66
N LYS A 149 -17.06 5.62 9.16
CA LYS A 149 -17.64 6.96 9.17
C LYS A 149 -17.81 7.52 10.59
N SER A 150 -18.17 6.67 11.53
CA SER A 150 -18.27 7.06 12.93
C SER A 150 -16.94 7.47 13.54
N ALA A 151 -15.90 6.72 13.17
CA ALA A 151 -14.55 7.00 13.57
C ALA A 151 -14.05 8.34 13.02
N TYR A 152 -14.43 8.65 11.79
CA TYR A 152 -13.93 9.85 11.11
C TYR A 152 -15.10 10.61 10.47
N PRO A 153 -15.86 11.32 11.27
CA PRO A 153 -17.04 11.99 10.74
C PRO A 153 -16.62 12.96 9.62
N GLY A 154 -17.37 12.98 8.55
CA GLY A 154 -17.17 13.97 7.53
C GLY A 154 -16.05 13.72 6.52
N GLN A 155 -15.31 12.63 6.69
CA GLN A 155 -14.09 12.37 5.95
C GLN A 155 -14.01 11.12 5.09
N ILE A 156 -14.94 10.19 5.29
CA ILE A 156 -14.90 8.97 4.52
C ILE A 156 -15.80 9.04 3.25
N THR A 157 -15.14 8.94 2.09
CA THR A 157 -15.80 8.96 0.84
C THR A 157 -16.06 7.52 0.40
N SER A 158 -16.74 7.35 -0.70
CA SER A 158 -17.04 6.05 -1.26
C SER A 158 -15.79 5.36 -1.82
N ASN A 159 -14.67 6.08 -1.83
CA ASN A 159 -13.40 5.58 -2.38
C ASN A 159 -12.37 5.14 -1.31
N MET A 160 -12.87 4.99 -0.09
CA MET A 160 -12.08 4.71 1.08
C MET A 160 -12.76 3.61 1.89
N PHE A 161 -11.94 2.78 2.53
CA PHE A 161 -12.41 1.90 3.56
C PHE A 161 -11.47 1.87 4.77
N CYS A 162 -12.05 1.55 5.92
CA CYS A 162 -11.30 1.39 7.14
C CYS A 162 -10.92 -0.08 7.34
N ALA A 163 -9.74 -0.31 7.88
CA ALA A 163 -9.36 -1.64 8.30
C ALA A 163 -8.50 -1.56 9.54
N GLY A 164 -8.59 -2.60 10.35
CA GLY A 164 -7.86 -2.59 11.57
C GLY A 164 -8.70 -2.92 12.78
N TYR A 165 -8.40 -2.22 13.86
CA TYR A 165 -8.87 -2.52 15.18
C TYR A 165 -9.26 -1.26 15.94
N LEU A 166 -10.52 -1.14 16.31
CA LEU A 166 -11.01 0.05 17.00
C LEU A 166 -10.36 0.23 18.37
N GLU A 167 -9.95 -0.88 18.95
CA GLU A 167 -9.23 -0.89 20.22
C GLU A 167 -7.82 -0.30 20.13
N GLY A 168 -7.31 -0.12 18.92
CA GLY A 168 -5.97 0.34 18.75
C GLY A 168 -4.95 -0.78 18.79
N GLY A 169 -3.70 -0.38 18.78
CA GLY A 169 -2.56 -1.23 19.00
C GLY A 169 -1.97 -1.93 17.80
N LYS A 170 -2.76 -2.10 16.74
CA LYS A 170 -2.32 -2.75 15.53
C LYS A 170 -2.82 -1.90 14.35
N ASP A 171 -1.89 -1.40 13.55
CA ASP A 171 -2.26 -0.43 12.51
C ASP A 171 -1.10 -0.24 11.49
N SER A 172 -1.40 0.32 10.33
CA SER A 172 -0.38 0.86 9.47
C SER A 172 0.16 2.20 10.02
N CYS A 173 1.27 2.69 9.49
CA CYS A 173 1.87 3.91 10.00
C CYS A 173 2.73 4.60 8.90
N GLN A 174 3.31 5.73 9.24
CA GLN A 174 4.08 6.52 8.32
C GLN A 174 5.17 5.63 7.69
N GLY A 175 5.26 5.71 6.36
CA GLY A 175 6.19 4.96 5.55
C GLY A 175 5.61 3.67 5.01
N ASP A 176 4.47 3.27 5.58
CA ASP A 176 3.68 2.19 5.02
C ASP A 176 2.85 2.68 3.82
N SER A 177 2.76 4.00 3.69
CA SER A 177 1.95 4.67 2.71
C SER A 177 2.23 4.15 1.35
N GLY A 178 1.15 3.93 0.63
CA GLY A 178 1.22 3.44 -0.72
C GLY A 178 1.21 1.94 -0.82
N GLY A 179 1.40 1.25 0.27
CA GLY A 179 1.52 -0.19 0.24
C GLY A 179 0.21 -0.92 0.15
N PRO A 180 0.33 -2.23 0.04
CA PRO A 180 -0.81 -3.11 -0.14
C PRO A 180 -1.67 -3.49 1.07
N VAL A 181 -2.97 -3.65 0.78
CA VAL A 181 -3.89 -4.40 1.59
C VAL A 181 -4.42 -5.49 0.64
N VAL A 182 -4.08 -6.72 0.93
CA VAL A 182 -4.44 -7.82 0.09
C VAL A 182 -5.39 -8.79 0.81
N CYS A 183 -6.52 -9.11 0.17
CA CYS A 183 -7.48 -10.00 0.74
C CYS A 183 -7.75 -11.12 -0.25
N SER A 184 -7.57 -12.35 0.19
CA SER A 184 -7.85 -13.48 -0.65
C SER A 184 -7.12 -13.37 -1.99
N GLY A 185 -5.88 -12.92 -1.93
CA GLY A 185 -5.05 -12.88 -3.12
C GLY A 185 -5.25 -11.74 -4.08
N LYS A 186 -6.02 -10.74 -3.68
CA LYS A 186 -6.30 -9.61 -4.56
C LYS A 186 -5.98 -8.29 -3.85
N LEU A 187 -5.58 -7.29 -4.60
CA LEU A 187 -5.23 -6.04 -3.98
C LEU A 187 -6.53 -5.27 -3.79
N GLN A 188 -7.00 -5.18 -2.57
CA GLN A 188 -8.21 -4.45 -2.30
C GLN A 188 -7.95 -3.03 -1.82
N GLY A 189 -6.76 -2.77 -1.29
CA GLY A 189 -6.51 -1.44 -0.76
C GLY A 189 -5.08 -0.92 -0.88
N ILE A 190 -4.93 0.36 -0.66
CA ILE A 190 -3.69 1.03 -0.65
C ILE A 190 -3.61 1.82 0.65
N VAL A 191 -2.47 1.76 1.30
CA VAL A 191 -2.36 2.48 2.53
C VAL A 191 -2.40 3.98 2.25
N SER A 192 -3.39 4.64 2.88
CA SER A 192 -3.65 6.01 2.55
C SER A 192 -3.51 7.03 3.67
N TRP A 193 -4.34 6.88 4.69
CA TRP A 193 -4.30 7.82 5.78
C TRP A 193 -4.83 7.29 7.13
N GLY A 194 -4.81 8.14 8.15
CA GLY A 194 -5.39 7.83 9.42
C GLY A 194 -5.12 8.97 10.38
N SER A 195 -5.45 8.82 11.65
CA SER A 195 -5.06 9.85 12.58
C SER A 195 -4.05 9.24 13.57
N GLY A 196 -2.78 9.54 13.37
CA GLY A 196 -1.76 8.85 14.09
C GLY A 196 -1.77 7.38 13.65
N CYS A 197 -1.16 6.54 14.47
CA CYS A 197 -1.11 5.10 14.28
C CYS A 197 -1.53 4.33 15.51
N ALA A 198 -2.38 3.37 15.33
CA ALA A 198 -2.73 2.42 16.36
C ALA A 198 -3.48 3.02 17.55
N GLN A 199 -4.06 4.20 17.37
CA GLN A 199 -4.85 4.82 18.41
C GLN A 199 -6.28 4.30 18.48
N LYS A 200 -6.84 4.33 19.68
CA LYS A 200 -8.16 3.81 19.84
C LYS A 200 -9.11 4.61 18.97
N ASN A 201 -10.00 3.90 18.30
CA ASN A 201 -11.03 4.50 17.51
C ASN A 201 -10.52 5.28 16.29
N LYS A 202 -9.25 5.06 15.91
CA LYS A 202 -8.69 5.72 14.73
C LYS A 202 -7.96 4.70 13.87
N PRO A 203 -8.74 3.84 13.25
CA PRO A 203 -8.16 2.81 12.44
C PRO A 203 -7.60 3.40 11.16
N GLY A 204 -6.79 2.63 10.45
CA GLY A 204 -6.28 3.05 9.19
C GLY A 204 -7.34 3.16 8.13
N VAL A 205 -7.11 4.08 7.20
CA VAL A 205 -7.98 4.31 6.07
C VAL A 205 -7.25 4.01 4.75
N TYR A 206 -7.93 3.27 3.89
CA TYR A 206 -7.36 2.68 2.72
C TYR A 206 -8.11 3.04 1.44
N THR A 207 -7.38 3.32 0.37
CA THR A 207 -8.00 3.54 -0.91
C THR A 207 -8.69 2.30 -1.41
N LYS A 208 -9.92 2.47 -1.89
CA LYS A 208 -10.74 1.35 -2.29
C LYS A 208 -10.47 0.92 -3.75
N VAL A 209 -9.53 0.01 -3.93
CA VAL A 209 -8.98 -0.29 -5.24
C VAL A 209 -10.03 -0.81 -6.23
N CYS A 210 -11.03 -1.50 -5.74
CA CYS A 210 -11.99 -2.09 -6.68
C CYS A 210 -12.69 -1.01 -7.50
N ASN A 211 -12.73 0.19 -6.99
CA ASN A 211 -13.38 1.30 -7.69
C ASN A 211 -12.58 1.79 -8.89
N TYR A 212 -11.31 1.40 -8.92
CA TYR A 212 -10.34 1.92 -9.88
C TYR A 212 -9.85 0.92 -10.92
N VAL A 213 -10.40 -0.26 -10.96
CA VAL A 213 -9.91 -1.27 -11.86
C VAL A 213 -10.02 -0.89 -13.35
N SER A 214 -11.13 -0.30 -13.72
CA SER A 214 -11.30 0.14 -15.08
C SER A 214 -10.28 1.21 -15.46
N TRP A 215 -10.08 2.18 -14.59
CA TRP A 215 -9.07 3.21 -14.83
C TRP A 215 -7.68 2.59 -14.92
N ILE A 216 -7.39 1.65 -14.03
CA ILE A 216 -6.07 1.06 -14.06
C ILE A 216 -5.88 0.31 -15.38
N LYS A 217 -6.85 -0.50 -15.76
CA LYS A 217 -6.68 -1.29 -16.96
C LYS A 217 -6.57 -0.42 -18.19
N GLN A 218 -7.41 0.58 -18.27
CA GLN A 218 -7.38 1.44 -19.42
C GLN A 218 -6.08 2.24 -19.50
N THR A 219 -5.62 2.71 -18.35
CA THR A 219 -4.42 3.49 -18.32
C THR A 219 -3.20 2.66 -18.78
N ILE A 220 -3.12 1.47 -18.26
CA ILE A 220 -2.06 0.57 -18.65
C ILE A 220 -2.12 0.25 -20.13
N ALA A 221 -3.32 0.04 -20.65
CA ALA A 221 -3.45 -0.33 -22.06
C ALA A 221 -2.99 0.76 -23.03
N SER A 222 -2.91 1.99 -22.57
CA SER A 222 -2.56 3.10 -23.43
C SER A 222 -1.25 3.84 -23.07
N ASN A 223 -0.49 3.30 -22.14
CA ASN A 223 0.71 3.98 -21.66
C ASN A 223 1.94 3.05 -21.51
CA CA B . 17.64 -5.42 0.31
S DMS C . 20.80 -1.05 0.21
O DMS C . 19.99 -1.47 -1.24
C1 DMS C . 22.54 -0.84 -0.26
C2 DMS C . 20.30 0.62 0.67
S DMS D . -8.90 17.93 8.11
O DMS D . -7.70 17.57 6.83
C1 DMS D . -10.54 17.95 7.36
C2 DMS D . -9.09 16.51 9.22
S DMS E . -6.65 19.99 -3.91
O DMS E . -7.92 21.25 -4.14
C1 DMS E . -6.61 19.06 -5.46
C2 DMS E . -5.00 20.73 -3.94
S DMS F . 21.06 -5.37 -6.88
O DMS F . 19.35 -4.81 -6.96
C1 DMS F . 21.36 -6.54 -8.23
C2 DMS F . 22.15 -4.01 -7.40
N SZ4 G . -2.51 4.71 10.78
O SZ4 G . 0.39 8.57 9.08
C1 SZ4 G . -2.78 4.96 9.42
C2 SZ4 G . -1.66 5.69 8.71
C3 SZ4 G . -1.20 5.22 7.53
C4 SZ4 G . -0.19 5.85 6.86
C5 SZ4 G . 0.36 6.99 7.39
C6 SZ4 G . -0.13 7.47 8.58
C7 SZ4 G . -0.35 9.24 10.05
C8 SZ4 G . -1.15 6.83 9.26
#